data_2IZY
#
_entry.id   2IZY
#
_cell.length_a   91.490
_cell.length_b   91.490
_cell.length_c   189.047
_cell.angle_alpha   90.00
_cell.angle_beta   90.00
_cell.angle_gamma   120.00
#
_symmetry.space_group_name_H-M   'P 65 2 2'
#
loop_
_entity.id
_entity.type
_entity.pdbx_description
1 polymer 'CAMP-DEPENDENT PROTEIN KINASE REGULATORY SUBUNIT II'
2 water water
#
_entity_poly.entity_id   1
_entity_poly.type   'polypeptide(L)'
_entity_poly.pdbx_seq_one_letter_code
;MGHIQIPPGLTELLQGYTVEVLRQQPPDLVDFAVEYFTRLREARRGLEHHHHHH
;
_entity_poly.pdbx_strand_id   A,B,C,D,E,F,G,H
#
# COMPACT_ATOMS: atom_id res chain seq x y z
N GLN A 5 -17.98 6.69 -1.93
CA GLN A 5 -18.64 5.75 -0.99
C GLN A 5 -18.05 4.33 -1.07
N ILE A 6 -17.89 3.72 0.09
CA ILE A 6 -17.29 2.39 0.19
C ILE A 6 -18.38 1.34 -0.07
N PRO A 7 -18.09 0.34 -0.94
CA PRO A 7 -19.02 -0.76 -1.20
C PRO A 7 -19.36 -1.55 0.07
N PRO A 8 -20.58 -2.12 0.13
CA PRO A 8 -20.94 -2.95 1.28
C PRO A 8 -20.04 -4.17 1.40
N GLY A 9 -19.63 -4.47 2.63
CA GLY A 9 -18.75 -5.60 2.88
C GLY A 9 -17.26 -5.33 2.87
N LEU A 10 -16.84 -4.19 2.31
CA LEU A 10 -15.41 -3.89 2.24
C LEU A 10 -14.74 -3.72 3.60
N THR A 11 -15.29 -2.87 4.48
CA THR A 11 -14.63 -2.65 5.77
C THR A 11 -14.62 -3.92 6.65
N GLU A 12 -15.71 -4.68 6.58
CA GLU A 12 -15.83 -5.95 7.30
C GLU A 12 -14.73 -6.93 6.87
N LEU A 13 -14.51 -6.99 5.57
CA LEU A 13 -13.45 -7.78 4.94
C LEU A 13 -12.05 -7.39 5.43
N LEU A 14 -11.77 -6.09 5.44
CA LEU A 14 -10.51 -5.55 5.93
C LEU A 14 -10.31 -5.78 7.43
N GLN A 15 -11.40 -5.69 8.20
CA GLN A 15 -11.37 -5.90 9.65
C GLN A 15 -11.09 -7.36 10.03
N GLY A 16 -11.62 -8.29 9.25
CA GLY A 16 -11.35 -9.71 9.43
C GLY A 16 -9.90 -10.05 9.17
N TYR A 17 -9.33 -9.48 8.11
CA TYR A 17 -7.92 -9.65 7.82
C TYR A 17 -7.08 -8.98 8.91
N THR A 18 -7.45 -7.76 9.30
CA THR A 18 -6.75 -7.01 10.35
C THR A 18 -6.71 -7.76 11.69
N VAL A 19 -7.87 -8.27 12.14
CA VAL A 19 -7.92 -9.01 13.41
C VAL A 19 -6.96 -10.22 13.43
N GLU A 20 -6.80 -10.90 12.29
CA GLU A 20 -5.83 -12.00 12.23
C GLU A 20 -4.36 -11.58 12.19
N VAL A 21 -4.07 -10.48 11.50
CA VAL A 21 -2.72 -9.89 11.55
C VAL A 21 -2.32 -9.62 13.00
N LEU A 22 -3.22 -9.03 13.77
CA LEU A 22 -2.96 -8.71 15.19
C LEU A 22 -2.78 -9.94 16.06
N ARG A 23 -3.56 -10.98 15.80
CA ARG A 23 -3.43 -12.21 16.57
C ARG A 23 -2.24 -13.08 16.16
N GLN A 24 -2.08 -13.30 14.86
CA GLN A 24 -1.08 -14.25 14.36
C GLN A 24 0.32 -13.64 14.20
N GLN A 25 0.39 -12.31 14.14
CA GLN A 25 1.66 -11.58 14.00
C GLN A 25 2.56 -12.19 12.91
N PRO A 26 2.05 -12.19 11.65
CA PRO A 26 2.80 -12.86 10.55
C PRO A 26 4.08 -12.11 10.20
N PRO A 27 5.16 -12.83 9.83
CA PRO A 27 6.40 -12.17 9.39
C PRO A 27 6.24 -11.24 8.17
N ASP A 28 5.32 -11.59 7.26
CA ASP A 28 5.09 -10.77 6.08
C ASP A 28 3.61 -10.57 5.81
N LEU A 29 3.23 -9.30 5.71
CA LEU A 29 1.83 -8.90 5.55
C LEU A 29 1.24 -9.28 4.21
N VAL A 30 2.06 -9.18 3.16
CA VAL A 30 1.62 -9.53 1.81
C VAL A 30 1.39 -11.03 1.66
N ASP A 31 2.34 -11.83 2.14
CA ASP A 31 2.22 -13.29 2.17
C ASP A 31 0.97 -13.69 2.93
N PHE A 32 0.73 -13.05 4.07
CA PHE A 32 -0.45 -13.36 4.88
C PHE A 32 -1.75 -12.99 4.17
N ALA A 33 -1.75 -11.86 3.47
CA ALA A 33 -2.92 -11.46 2.70
C ALA A 33 -3.29 -12.54 1.68
N VAL A 34 -2.30 -13.02 0.93
CA VAL A 34 -2.56 -14.04 -0.08
C VAL A 34 -3.15 -15.29 0.57
N GLU A 35 -2.45 -15.83 1.57
CA GLU A 35 -2.92 -16.95 2.40
C GLU A 35 -4.33 -16.68 2.97
N TYR A 36 -4.49 -15.56 3.67
CA TYR A 36 -5.76 -15.24 4.36
C TYR A 36 -7.00 -15.24 3.44
N PHE A 37 -6.94 -14.46 2.36
CA PHE A 37 -8.06 -14.32 1.45
C PHE A 37 -8.30 -15.58 0.62
N THR A 38 -7.22 -16.33 0.34
CA THR A 38 -7.32 -17.65 -0.32
C THR A 38 -8.11 -18.65 0.58
N ARG A 39 -7.71 -18.75 1.85
CA ARG A 39 -8.47 -19.53 2.83
C ARG A 39 -9.91 -19.03 3.06
N LEU A 40 -10.14 -17.73 2.98
CA LEU A 40 -11.48 -17.17 3.18
C LEU A 40 -12.42 -17.61 2.06
N ARG A 41 -11.89 -17.61 0.84
CA ARG A 41 -12.64 -18.09 -0.32
C ARG A 41 -12.96 -19.60 -0.20
N GLU A 42 -12.01 -20.38 0.33
CA GLU A 42 -12.20 -21.80 0.60
C GLU A 42 -13.25 -22.05 1.67
N ALA A 43 -13.19 -21.29 2.76
CA ALA A 43 -14.24 -21.27 3.77
C ALA A 43 -15.61 -20.93 3.17
N ARG A 44 -15.68 -19.95 2.27
CA ARG A 44 -16.94 -19.57 1.60
C ARG A 44 -17.49 -20.73 0.78
N ARG A 45 -16.61 -21.36 0.00
CA ARG A 45 -16.97 -22.50 -0.85
C ARG A 45 -17.48 -23.67 0.01
N GLY A 46 -16.78 -23.92 1.11
CA GLY A 46 -17.17 -24.95 2.09
C GLY A 46 -18.55 -24.70 2.66
N LEU A 47 -18.81 -23.45 3.06
CA LEU A 47 -20.13 -23.04 3.53
C LEU A 47 -21.20 -23.33 2.49
N GLU A 48 -20.95 -22.88 1.26
CA GLU A 48 -21.87 -23.07 0.12
C GLU A 48 -22.08 -24.54 -0.29
N HIS A 49 -21.09 -25.38 -0.06
CA HIS A 49 -21.18 -26.81 -0.34
C HIS A 49 -22.03 -27.54 0.71
N HIS A 50 -21.79 -27.18 1.97
CA HIS A 50 -22.60 -27.64 3.09
C HIS A 50 -24.10 -27.46 2.81
N HIS A 51 -24.48 -26.23 2.48
CA HIS A 51 -25.82 -25.92 1.99
C HIS A 51 -25.90 -24.43 1.68
N ILE B 4 -3.55 -2.16 21.55
CA ILE B 4 -3.58 -2.62 20.12
C ILE B 4 -2.85 -1.66 19.17
N GLN B 5 -1.65 -2.08 18.74
CA GLN B 5 -0.88 -1.30 17.77
C GLN B 5 -0.99 -1.93 16.38
N ILE B 6 -1.50 -1.12 15.43
CA ILE B 6 -1.56 -1.51 14.02
C ILE B 6 -0.13 -1.60 13.46
N PRO B 7 0.27 -2.79 12.97
CA PRO B 7 1.63 -3.05 12.48
C PRO B 7 2.06 -2.08 11.39
N PRO B 8 3.36 -1.72 11.35
CA PRO B 8 3.88 -0.88 10.28
C PRO B 8 3.56 -1.50 8.92
N GLY B 9 2.92 -0.74 8.05
CA GLY B 9 2.63 -1.17 6.70
C GLY B 9 1.21 -1.63 6.44
N LEU B 10 0.51 -2.03 7.51
CA LEU B 10 -0.85 -2.56 7.38
C LEU B 10 -1.84 -1.58 6.73
N THR B 11 -1.93 -0.36 7.24
CA THR B 11 -2.95 0.55 6.73
C THR B 11 -2.70 0.88 5.27
N GLU B 12 -1.43 0.98 4.89
CA GLU B 12 -1.04 1.19 3.50
C GLU B 12 -1.53 0.07 2.55
N LEU B 13 -1.25 -1.19 2.89
CA LEU B 13 -1.84 -2.36 2.19
C LEU B 13 -3.36 -2.27 2.02
N LEU B 14 -4.06 -2.00 3.13
CA LEU B 14 -5.53 -1.93 3.11
C LEU B 14 -6.05 -0.80 2.21
N GLN B 15 -5.34 0.33 2.22
CA GLN B 15 -5.75 1.51 1.46
C GLN B 15 -5.49 1.32 -0.01
N GLY B 16 -4.38 0.65 -0.34
CA GLY B 16 -4.05 0.31 -1.73
C GLY B 16 -5.09 -0.61 -2.35
N TYR B 17 -5.50 -1.62 -1.57
CA TYR B 17 -6.55 -2.52 -2.02
C TYR B 17 -7.87 -1.74 -2.17
N THR B 18 -8.16 -0.87 -1.21
CA THR B 18 -9.41 -0.10 -1.19
C THR B 18 -9.53 0.88 -2.37
N VAL B 19 -8.46 1.63 -2.65
CA VAL B 19 -8.47 2.56 -3.80
C VAL B 19 -8.78 1.80 -5.11
N GLU B 20 -8.28 0.58 -5.23
CA GLU B 20 -8.56 -0.27 -6.40
C GLU B 20 -9.97 -0.88 -6.48
N VAL B 21 -10.53 -1.27 -5.34
CA VAL B 21 -11.95 -1.64 -5.30
C VAL B 21 -12.82 -0.49 -5.85
N LEU B 22 -12.52 0.74 -5.41
CA LEU B 22 -13.25 1.92 -5.79
C LEU B 22 -13.08 2.24 -7.27
N ARG B 23 -11.86 2.06 -7.80
CA ARG B 23 -11.63 2.32 -9.21
C ARG B 23 -12.29 1.27 -10.11
N GLN B 24 -12.05 0.00 -9.76
CA GLN B 24 -12.37 -1.13 -10.63
C GLN B 24 -13.74 -1.74 -10.42
N GLN B 25 -14.37 -1.43 -9.28
CA GLN B 25 -15.70 -1.98 -8.95
C GLN B 25 -15.79 -3.49 -9.22
N PRO B 26 -14.95 -4.31 -8.54
CA PRO B 26 -14.98 -5.74 -8.88
C PRO B 26 -16.32 -6.38 -8.48
N PRO B 27 -16.80 -7.37 -9.27
CA PRO B 27 -18.03 -8.10 -8.90
C PRO B 27 -17.90 -8.92 -7.61
N ASP B 28 -16.70 -9.36 -7.26
CA ASP B 28 -16.50 -10.05 -5.98
C ASP B 28 -15.24 -9.56 -5.26
N LEU B 29 -15.44 -9.08 -4.05
CA LEU B 29 -14.38 -8.50 -3.21
C LEU B 29 -13.34 -9.51 -2.74
N VAL B 30 -13.77 -10.74 -2.48
CA VAL B 30 -12.85 -11.80 -2.06
C VAL B 30 -11.94 -12.24 -3.22
N ASP B 31 -12.54 -12.49 -4.37
CA ASP B 31 -11.80 -12.82 -5.58
C ASP B 31 -10.83 -11.69 -5.88
N PHE B 32 -11.28 -10.44 -5.78
CA PHE B 32 -10.40 -9.32 -6.05
C PHE B 32 -9.26 -9.20 -5.06
N ALA B 33 -9.53 -9.46 -3.78
CA ALA B 33 -8.46 -9.52 -2.78
C ALA B 33 -7.41 -10.61 -3.09
N VAL B 34 -7.85 -11.81 -3.47
CA VAL B 34 -6.89 -12.85 -3.88
C VAL B 34 -6.07 -12.34 -5.08
N GLU B 35 -6.73 -11.86 -6.12
CA GLU B 35 -6.09 -11.40 -7.35
C GLU B 35 -5.14 -10.23 -7.09
N TYR B 36 -5.64 -9.23 -6.35
CA TYR B 36 -4.88 -8.01 -6.07
C TYR B 36 -3.60 -8.27 -5.29
N PHE B 37 -3.71 -8.93 -4.14
CA PHE B 37 -2.52 -9.19 -3.32
C PHE B 37 -1.54 -10.17 -3.96
N THR B 38 -2.06 -11.06 -4.82
CA THR B 38 -1.20 -11.94 -5.62
C THR B 38 -0.33 -11.14 -6.61
N ARG B 39 -0.98 -10.26 -7.40
CA ARG B 39 -0.29 -9.34 -8.30
C ARG B 39 0.73 -8.45 -7.56
N LEU B 40 0.33 -7.96 -6.39
CA LEU B 40 1.18 -7.10 -5.56
C LEU B 40 2.47 -7.80 -5.12
N ARG B 41 2.33 -9.04 -4.69
CA ARG B 41 3.48 -9.89 -4.36
C ARG B 41 4.37 -10.07 -5.62
N GLU B 42 3.76 -10.24 -6.78
CA GLU B 42 4.50 -10.37 -8.04
C GLU B 42 5.24 -9.04 -8.40
N ALA B 43 4.61 -7.90 -8.12
CA ALA B 43 5.24 -6.58 -8.31
C ALA B 43 6.43 -6.38 -7.38
N ARG B 44 6.25 -6.72 -6.11
CA ARG B 44 7.32 -6.64 -5.12
C ARG B 44 8.53 -7.48 -5.52
N ARG B 45 8.28 -8.70 -5.96
CA ARG B 45 9.30 -9.62 -6.48
C ARG B 45 10.11 -8.99 -7.63
N GLY B 46 9.41 -8.33 -8.56
CA GLY B 46 10.07 -7.64 -9.66
C GLY B 46 10.92 -6.44 -9.24
N LEU B 47 10.44 -5.70 -8.26
CA LEU B 47 11.17 -4.55 -7.70
C LEU B 47 12.40 -5.01 -6.91
N GLU B 48 12.32 -6.19 -6.31
CA GLU B 48 13.44 -6.75 -5.55
C GLU B 48 14.55 -7.29 -6.45
N HIS B 49 14.24 -7.51 -7.72
CA HIS B 49 15.21 -8.09 -8.66
C HIS B 49 15.77 -7.07 -9.67
N GLN C 5 -14.96 -29.36 4.86
CA GLN C 5 -15.45 -29.93 6.17
C GLN C 5 -15.83 -28.86 7.22
N ILE C 6 -17.09 -28.42 7.17
CA ILE C 6 -17.65 -27.49 8.15
C ILE C 6 -17.99 -28.22 9.46
N PRO C 7 -17.45 -27.76 10.61
CA PRO C 7 -17.71 -28.52 11.84
C PRO C 7 -19.18 -28.47 12.28
N PRO C 8 -19.68 -29.55 12.92
CA PRO C 8 -21.06 -29.67 13.36
C PRO C 8 -21.49 -28.48 14.21
N GLY C 9 -22.64 -27.92 13.90
CA GLY C 9 -23.19 -26.83 14.71
C GLY C 9 -22.84 -25.43 14.27
N LEU C 10 -21.83 -25.28 13.40
CA LEU C 10 -21.41 -23.95 12.97
C LEU C 10 -22.51 -23.22 12.20
N THR C 11 -23.08 -23.85 11.17
CA THR C 11 -24.12 -23.19 10.34
C THR C 11 -25.39 -22.81 11.15
N GLU C 12 -25.82 -23.70 12.05
CA GLU C 12 -26.94 -23.39 12.97
C GLU C 12 -26.65 -22.16 13.85
N LEU C 13 -25.43 -22.13 14.39
CA LEU C 13 -24.97 -20.96 15.14
C LEU C 13 -25.06 -19.67 14.34
N LEU C 14 -24.62 -19.70 13.08
CA LEU C 14 -24.60 -18.51 12.25
C LEU C 14 -25.99 -18.09 11.79
N GLN C 15 -26.88 -19.07 11.63
CA GLN C 15 -28.28 -18.83 11.27
C GLN C 15 -29.09 -18.20 12.40
N GLY C 16 -28.80 -18.60 13.64
CA GLY C 16 -29.44 -17.98 14.80
C GLY C 16 -29.09 -16.50 14.93
N TYR C 17 -27.82 -16.18 14.72
CA TYR C 17 -27.35 -14.80 14.70
C TYR C 17 -28.06 -14.05 13.59
N THR C 18 -28.15 -14.67 12.42
CA THR C 18 -28.69 -14.02 11.23
C THR C 18 -30.17 -13.70 11.36
N VAL C 19 -30.97 -14.67 11.82
CA VAL C 19 -32.41 -14.45 11.97
C VAL C 19 -32.67 -13.26 12.90
N GLU C 20 -31.82 -13.06 13.90
CA GLU C 20 -31.95 -11.96 14.86
C GLU C 20 -31.44 -10.62 14.34
N VAL C 21 -30.40 -10.65 13.51
CA VAL C 21 -29.97 -9.46 12.78
C VAL C 21 -31.12 -8.95 11.90
N LEU C 22 -31.81 -9.90 11.26
CA LEU C 22 -32.91 -9.56 10.35
C LEU C 22 -34.13 -9.03 11.10
N ARG C 23 -34.44 -9.64 12.24
CA ARG C 23 -35.56 -9.19 13.05
C ARG C 23 -35.26 -7.86 13.77
N GLN C 24 -34.13 -7.77 14.45
CA GLN C 24 -33.84 -6.64 15.32
C GLN C 24 -33.27 -5.42 14.58
N GLN C 25 -32.68 -5.67 13.42
CA GLN C 25 -32.01 -4.66 12.58
C GLN C 25 -31.11 -3.73 13.38
N PRO C 26 -30.11 -4.31 14.09
CA PRO C 26 -29.21 -3.49 14.87
C PRO C 26 -28.30 -2.70 13.92
N PRO C 27 -27.97 -1.44 14.24
CA PRO C 27 -27.15 -0.60 13.37
C PRO C 27 -25.70 -1.09 13.22
N ASP C 28 -25.13 -1.64 14.27
CA ASP C 28 -23.76 -2.17 14.22
C ASP C 28 -23.75 -3.69 14.33
N LEU C 29 -23.39 -4.34 13.24
CA LEU C 29 -23.38 -5.82 13.15
C LEU C 29 -22.30 -6.45 14.04
N VAL C 30 -21.18 -5.76 14.20
CA VAL C 30 -20.09 -6.25 15.05
C VAL C 30 -20.45 -6.16 16.55
N ASP C 31 -20.97 -5.01 16.97
CA ASP C 31 -21.49 -4.83 18.35
C ASP C 31 -22.55 -5.88 18.67
N PHE C 32 -23.51 -6.05 17.75
CA PHE C 32 -24.55 -7.07 17.93
C PHE C 32 -24.03 -8.52 18.04
N ALA C 33 -22.98 -8.85 17.29
CA ALA C 33 -22.37 -10.19 17.40
C ALA C 33 -21.82 -10.46 18.80
N VAL C 34 -21.09 -9.49 19.36
CA VAL C 34 -20.60 -9.62 20.72
C VAL C 34 -21.78 -9.79 21.70
N GLU C 35 -22.79 -8.94 21.57
CA GLU C 35 -23.95 -8.91 22.46
C GLU C 35 -24.80 -10.17 22.35
N TYR C 36 -25.12 -10.57 21.11
CA TYR C 36 -25.88 -11.78 20.85
C TYR C 36 -25.21 -13.07 21.34
N PHE C 37 -23.94 -13.29 21.02
CA PHE C 37 -23.28 -14.53 21.44
C PHE C 37 -22.98 -14.57 22.95
N THR C 38 -22.80 -13.39 23.57
CA THR C 38 -22.74 -13.30 25.02
C THR C 38 -24.07 -13.79 25.63
N ARG C 39 -25.20 -13.33 25.08
CA ARG C 39 -26.50 -13.78 25.56
C ARG C 39 -26.74 -15.26 25.31
N LEU C 40 -26.33 -15.74 24.12
CA LEU C 40 -26.42 -17.17 23.79
C LEU C 40 -25.67 -18.03 24.82
N ARG C 41 -24.45 -17.62 25.14
CA ARG C 41 -23.66 -18.34 26.13
C ARG C 41 -24.37 -18.42 27.49
N GLU C 42 -24.92 -17.30 27.93
CA GLU C 42 -25.72 -17.27 29.14
C GLU C 42 -26.98 -18.17 29.05
N ALA C 43 -27.68 -18.16 27.92
CA ALA C 43 -28.84 -19.05 27.72
C ALA C 43 -28.43 -20.53 27.85
N ARG C 44 -27.30 -20.89 27.26
CA ARG C 44 -26.78 -22.25 27.34
C ARG C 44 -26.41 -22.66 28.78
N ARG C 45 -25.79 -21.75 29.53
CA ARG C 45 -25.44 -22.01 30.93
C ARG C 45 -26.70 -22.22 31.79
N GLY C 46 -27.73 -21.41 31.55
CA GLY C 46 -29.05 -21.62 32.15
C GLY C 46 -29.67 -22.97 31.82
N LEU C 47 -29.53 -23.42 30.57
CA LEU C 47 -30.05 -24.72 30.14
C LEU C 47 -29.29 -25.85 30.81
N GLU C 48 -27.96 -25.73 30.84
CA GLU C 48 -27.09 -26.73 31.46
C GLU C 48 -27.25 -26.80 32.98
N HIS C 49 -27.54 -25.67 33.62
CA HIS C 49 -27.79 -25.66 35.08
C HIS C 49 -29.15 -26.27 35.44
N HIS C 50 -30.12 -26.15 34.52
CA HIS C 50 -31.42 -26.75 34.68
C HIS C 50 -31.38 -28.23 34.30
N ILE D 4 -35.48 -11.32 0.48
CA ILE D 4 -35.22 -11.36 1.95
C ILE D 4 -34.22 -10.26 2.38
N GLN D 5 -33.18 -10.07 1.58
CA GLN D 5 -32.16 -9.04 1.83
C GLN D 5 -31.32 -9.30 3.07
N ILE D 6 -30.15 -9.88 2.84
CA ILE D 6 -29.13 -9.94 3.86
C ILE D 6 -28.50 -8.54 3.90
N PRO D 7 -28.39 -7.93 5.10
CA PRO D 7 -27.83 -6.57 5.18
C PRO D 7 -26.32 -6.52 4.83
N PRO D 8 -25.85 -5.34 4.37
CA PRO D 8 -24.45 -5.12 3.97
C PRO D 8 -23.45 -5.55 5.03
N GLY D 9 -22.50 -6.41 4.66
CA GLY D 9 -21.43 -6.76 5.60
C GLY D 9 -21.63 -8.00 6.45
N LEU D 10 -22.88 -8.45 6.60
CA LEU D 10 -23.20 -9.68 7.34
C LEU D 10 -22.45 -10.91 6.78
N THR D 11 -22.54 -11.16 5.48
CA THR D 11 -21.91 -12.34 4.89
C THR D 11 -20.40 -12.36 5.09
N GLU D 12 -19.73 -11.21 4.91
CA GLU D 12 -18.29 -11.06 5.24
C GLU D 12 -17.96 -11.41 6.69
N LEU D 13 -18.75 -10.89 7.62
CA LEU D 13 -18.60 -11.18 9.06
C LEU D 13 -18.68 -12.67 9.38
N LEU D 14 -19.68 -13.33 8.81
CA LEU D 14 -19.89 -14.77 9.06
C LEU D 14 -18.73 -15.60 8.49
N GLN D 15 -18.19 -15.14 7.36
CA GLN D 15 -17.18 -15.89 6.63
C GLN D 15 -15.82 -15.69 7.27
N GLY D 16 -15.53 -14.48 7.71
CA GLY D 16 -14.34 -14.23 8.56
C GLY D 16 -14.27 -15.07 9.83
N TYR D 17 -15.40 -15.22 10.51
CA TYR D 17 -15.51 -16.11 11.67
C TYR D 17 -15.32 -17.57 11.24
N THR D 18 -15.89 -17.93 10.10
CA THR D 18 -15.83 -19.31 9.61
C THR D 18 -14.40 -19.74 9.25
N VAL D 19 -13.64 -18.84 8.58
CA VAL D 19 -12.26 -19.18 8.21
C VAL D 19 -11.38 -19.44 9.44
N GLU D 20 -11.64 -18.70 10.51
CA GLU D 20 -10.89 -18.88 11.73
C GLU D 20 -11.36 -20.09 12.55
N VAL D 21 -12.65 -20.44 12.43
CA VAL D 21 -13.08 -21.71 13.02
C VAL D 21 -12.33 -22.86 12.36
N LEU D 22 -12.28 -22.88 11.04
CA LEU D 22 -11.54 -23.91 10.28
C LEU D 22 -10.03 -23.89 10.56
N ARG D 23 -9.43 -22.70 10.68
CA ARG D 23 -7.98 -22.54 10.93
C ARG D 23 -7.55 -22.91 12.37
N GLN D 24 -8.29 -22.38 13.36
CA GLN D 24 -7.93 -22.54 14.77
C GLN D 24 -8.55 -23.76 15.43
N GLN D 25 -9.55 -24.36 14.79
CA GLN D 25 -10.25 -25.54 15.34
C GLN D 25 -10.51 -25.37 16.85
N PRO D 26 -11.40 -24.44 17.23
CA PRO D 26 -11.63 -24.19 18.66
C PRO D 26 -12.45 -25.32 19.33
N PRO D 27 -12.22 -25.56 20.62
CA PRO D 27 -13.00 -26.61 21.27
C PRO D 27 -14.49 -26.26 21.44
N ASP D 28 -14.82 -24.97 21.48
CA ASP D 28 -16.20 -24.51 21.61
C ASP D 28 -16.53 -23.30 20.73
N LEU D 29 -17.51 -23.51 19.85
CA LEU D 29 -17.93 -22.54 18.84
C LEU D 29 -18.49 -21.25 19.38
N VAL D 30 -19.22 -21.33 20.51
CA VAL D 30 -19.83 -20.17 21.13
C VAL D 30 -18.77 -19.33 21.84
N ASP D 31 -17.92 -19.98 22.63
CA ASP D 31 -16.80 -19.29 23.27
C ASP D 31 -15.97 -18.59 22.23
N PHE D 32 -15.64 -19.29 21.14
CA PHE D 32 -14.86 -18.69 20.06
C PHE D 32 -15.58 -17.54 19.37
N ALA D 33 -16.90 -17.67 19.21
CA ALA D 33 -17.70 -16.54 18.72
C ALA D 33 -17.55 -15.28 19.60
N VAL D 34 -17.67 -15.43 20.91
CA VAL D 34 -17.51 -14.28 21.81
C VAL D 34 -16.08 -13.73 21.69
N GLU D 35 -15.09 -14.62 21.77
CA GLU D 35 -13.69 -14.23 21.63
C GLU D 35 -13.38 -13.53 20.29
N TYR D 36 -13.78 -14.15 19.18
CA TYR D 36 -13.45 -13.65 17.86
C TYR D 36 -14.02 -12.25 17.58
N PHE D 37 -15.30 -12.07 17.90
CA PHE D 37 -15.98 -10.83 17.60
C PHE D 37 -15.60 -9.69 18.53
N THR D 38 -15.23 -10.03 19.77
CA THR D 38 -14.62 -9.05 20.72
C THR D 38 -13.28 -8.51 20.17
N ARG D 39 -12.39 -9.42 19.78
CA ARG D 39 -11.10 -9.06 19.16
C ARG D 39 -11.29 -8.28 17.85
N LEU D 40 -12.24 -8.70 17.03
CA LEU D 40 -12.65 -7.96 15.82
C LEU D 40 -13.11 -6.51 16.08
N ARG D 41 -13.95 -6.32 17.10
CA ARG D 41 -14.47 -4.98 17.42
C ARG D 41 -13.31 -4.08 17.87
N GLU D 42 -12.38 -4.69 18.57
CA GLU D 42 -11.18 -4.04 19.05
C GLU D 42 -10.19 -3.72 17.92
N ALA D 43 -10.03 -4.67 16.99
CA ALA D 43 -9.27 -4.42 15.76
C ALA D 43 -9.84 -3.22 15.02
N ARG D 44 -11.17 -3.19 14.91
CA ARG D 44 -11.87 -2.08 14.28
C ARG D 44 -11.58 -0.76 14.98
N ARG D 45 -11.61 -0.74 16.31
CA ARG D 45 -11.28 0.48 17.06
C ARG D 45 -9.85 0.95 16.80
N GLY D 46 -8.91 0.00 16.79
CA GLY D 46 -7.51 0.26 16.43
C GLY D 46 -7.34 0.95 15.08
N LEU D 47 -8.04 0.45 14.06
CA LEU D 47 -8.01 1.06 12.72
C LEU D 47 -8.61 2.48 12.70
N GLU D 48 -9.65 2.68 13.49
CA GLU D 48 -10.36 3.97 13.49
C GLU D 48 -9.58 5.04 14.25
N HIS D 49 -8.76 4.61 15.20
CA HIS D 49 -7.93 5.53 15.96
C HIS D 49 -6.58 5.78 15.31
N HIS D 50 -6.28 5.01 14.27
CA HIS D 50 -5.07 5.20 13.49
C HIS D 50 -5.22 6.42 12.57
N HIS D 51 -6.18 6.55 11.81
N ILE E 4 9.19 -10.50 -13.96
CA ILE E 4 8.25 -9.40 -14.32
C ILE E 4 8.98 -8.22 -14.98
N GLN E 5 8.35 -7.64 -16.01
CA GLN E 5 8.88 -6.44 -16.66
C GLN E 5 8.45 -5.13 -15.96
N ILE E 6 9.37 -4.54 -15.20
CA ILE E 6 9.21 -3.18 -14.70
C ILE E 6 9.38 -2.23 -15.89
N PRO E 7 8.47 -1.25 -16.05
CA PRO E 7 8.72 -0.34 -17.16
C PRO E 7 9.90 0.60 -16.91
N PRO E 8 10.58 1.05 -18.00
CA PRO E 8 11.65 2.05 -17.97
C PRO E 8 11.28 3.32 -17.20
N GLY E 9 12.15 3.69 -16.25
CA GLY E 9 11.96 4.92 -15.49
C GLY E 9 11.23 4.81 -14.16
N LEU E 10 10.52 3.69 -13.95
CA LEU E 10 9.75 3.51 -12.70
C LEU E 10 10.64 3.48 -11.47
N THR E 11 11.69 2.67 -11.49
CA THR E 11 12.49 2.54 -10.27
C THR E 11 13.17 3.86 -9.89
N GLU E 12 13.57 4.65 -10.90
CA GLU E 12 14.13 6.01 -10.69
C GLU E 12 13.10 6.95 -10.08
N LEU E 13 11.87 6.85 -10.56
CA LEU E 13 10.76 7.62 -10.02
C LEU E 13 10.58 7.35 -8.52
N LEU E 14 10.58 6.07 -8.15
CA LEU E 14 10.38 5.64 -6.76
C LEU E 14 11.56 5.98 -5.85
N GLN E 15 12.76 5.92 -6.39
CA GLN E 15 13.95 6.24 -5.59
C GLN E 15 14.07 7.74 -5.31
N GLY E 16 13.60 8.56 -6.26
CA GLY E 16 13.59 10.01 -6.13
C GLY E 16 12.61 10.45 -5.05
N TYR E 17 11.44 9.81 -5.04
CA TYR E 17 10.46 10.05 -3.98
C TYR E 17 11.05 9.62 -2.66
N THR E 18 11.68 8.45 -2.66
CA THR E 18 12.26 7.87 -1.48
C THR E 18 13.38 8.71 -0.83
N VAL E 19 14.28 9.27 -1.63
CA VAL E 19 15.40 10.06 -1.07
C VAL E 19 14.87 11.32 -0.35
N GLU E 20 13.76 11.86 -0.85
CA GLU E 20 13.11 13.00 -0.23
C GLU E 20 12.30 12.68 1.03
N VAL E 21 11.68 11.50 1.06
CA VAL E 21 11.08 10.98 2.29
C VAL E 21 12.16 10.87 3.37
N LEU E 22 13.30 10.29 3.02
CA LEU E 22 14.40 10.13 3.96
C LEU E 22 14.98 11.46 4.41
N ARG E 23 15.11 12.40 3.47
CA ARG E 23 15.62 13.73 3.83
C ARG E 23 14.63 14.60 4.62
N GLN E 24 13.37 14.65 4.17
CA GLN E 24 12.43 15.61 4.74
C GLN E 24 11.63 15.08 5.93
N GLN E 25 11.54 13.75 6.05
CA GLN E 25 10.74 13.09 7.11
C GLN E 25 9.33 13.68 7.22
N PRO E 26 8.54 13.64 6.12
CA PRO E 26 7.23 14.29 6.18
C PRO E 26 6.32 13.54 7.18
N PRO E 27 5.39 14.26 7.85
CA PRO E 27 4.45 13.63 8.78
C PRO E 27 3.56 12.56 8.14
N ASP E 28 3.26 12.71 6.86
CA ASP E 28 2.38 11.79 6.15
C ASP E 28 2.89 11.48 4.75
N LEU E 29 3.09 10.18 4.52
CA LEU E 29 3.67 9.67 3.29
C LEU E 29 2.84 9.93 2.03
N VAL E 30 1.53 9.75 2.17
CA VAL E 30 0.56 9.89 1.07
C VAL E 30 0.39 11.35 0.64
N ASP E 31 0.22 12.24 1.62
CA ASP E 31 0.19 13.67 1.39
C ASP E 31 1.46 14.14 0.68
N PHE E 32 2.61 13.63 1.14
CA PHE E 32 3.89 14.03 0.55
C PHE E 32 4.02 13.49 -0.88
N ALA E 33 3.57 12.26 -1.09
CA ALA E 33 3.53 11.69 -2.45
C ALA E 33 2.74 12.58 -3.40
N VAL E 34 1.57 13.03 -2.98
CA VAL E 34 0.80 13.96 -3.85
C VAL E 34 1.63 15.21 -4.18
N GLU E 35 2.21 15.82 -3.14
CA GLU E 35 2.98 17.06 -3.29
C GLU E 35 4.23 16.85 -4.17
N TYR E 36 5.04 15.85 -3.81
CA TYR E 36 6.27 15.54 -4.55
C TYR E 36 6.02 15.28 -6.03
N PHE E 37 5.11 14.37 -6.35
CA PHE E 37 4.82 14.08 -7.77
C PHE E 37 4.15 15.21 -8.54
N THR E 38 3.33 16.03 -7.87
CA THR E 38 2.79 17.26 -8.48
C THR E 38 3.95 18.23 -8.86
N ARG E 39 4.87 18.42 -7.92
CA ARG E 39 6.06 19.24 -8.12
C ARG E 39 7.02 18.70 -9.19
N LEU E 40 7.15 17.38 -9.26
CA LEU E 40 7.99 16.72 -10.27
C LEU E 40 7.45 16.97 -11.66
N ARG E 41 6.14 16.86 -11.79
CA ARG E 41 5.45 17.22 -13.02
C ARG E 41 5.72 18.69 -13.44
N GLU E 42 5.65 19.63 -12.49
CA GLU E 42 5.94 21.06 -12.77
C GLU E 42 7.38 21.27 -13.24
N ALA E 43 8.32 20.61 -12.59
CA ALA E 43 9.74 20.68 -12.93
C ALA E 43 9.97 20.17 -14.36
N ARG E 44 9.31 19.05 -14.69
CA ARG E 44 9.38 18.47 -16.02
C ARG E 44 8.82 19.44 -17.05
N ARG E 45 7.67 20.04 -16.76
CA ARG E 45 7.10 21.10 -17.61
C ARG E 45 8.07 22.28 -17.79
N GLY E 46 8.73 22.69 -16.71
CA GLY E 46 9.79 23.69 -16.78
C GLY E 46 10.91 23.30 -17.74
N LEU E 47 11.45 22.09 -17.58
CA LEU E 47 12.52 21.59 -18.44
C LEU E 47 12.12 21.47 -19.91
N GLU E 48 10.84 21.20 -20.16
CA GLU E 48 10.35 20.99 -21.52
C GLU E 48 9.96 22.30 -22.21
N HIS E 49 9.82 23.38 -21.44
CA HIS E 49 9.51 24.70 -21.99
C HIS E 49 10.76 25.53 -22.21
N HIS E 50 11.78 25.31 -21.38
CA HIS E 50 13.10 25.92 -21.56
C HIS E 50 13.71 25.43 -22.88
N HIS E 51 13.25 24.26 -23.35
CA HIS E 51 13.70 23.64 -24.60
C HIS E 51 13.49 24.51 -25.84
N ILE F 4 19.83 2.47 5.88
CA ILE F 4 19.45 3.91 5.86
C ILE F 4 18.35 4.29 6.86
N GLN F 5 17.46 3.34 7.18
CA GLN F 5 16.22 3.58 7.97
C GLN F 5 14.98 4.01 7.15
N ILE F 6 14.36 3.03 6.49
CA ILE F 6 13.14 3.25 5.71
C ILE F 6 11.94 3.34 6.66
N PRO F 7 11.20 4.47 6.66
CA PRO F 7 10.01 4.62 7.51
C PRO F 7 8.92 3.55 7.31
N PRO F 8 8.05 3.37 8.32
CA PRO F 8 6.94 2.41 8.23
C PRO F 8 5.95 2.78 7.12
N GLY F 9 5.63 1.83 6.25
CA GLY F 9 4.64 2.03 5.20
C GLY F 9 5.15 2.43 3.83
N LEU F 10 6.39 2.91 3.73
CA LEU F 10 6.91 3.40 2.46
C LEU F 10 6.93 2.29 1.40
N THR F 11 7.49 1.13 1.74
CA THR F 11 7.62 0.05 0.76
C THR F 11 6.25 -0.39 0.25
N GLU F 12 5.30 -0.56 1.17
CA GLU F 12 3.90 -0.85 0.83
C GLU F 12 3.27 0.18 -0.09
N LEU F 13 3.46 1.46 0.21
CA LEU F 13 2.97 2.54 -0.65
C LEU F 13 3.47 2.42 -2.08
N LEU F 14 4.78 2.17 -2.21
CA LEU F 14 5.43 2.07 -3.51
C LEU F 14 5.04 0.81 -4.27
N GLN F 15 4.76 -0.27 -3.53
CA GLN F 15 4.33 -1.53 -4.11
C GLN F 15 2.91 -1.40 -4.66
N GLY F 16 2.05 -0.70 -3.91
CA GLY F 16 0.70 -0.35 -4.34
C GLY F 16 0.70 0.43 -5.65
N TYR F 17 1.51 1.48 -5.71
CA TYR F 17 1.67 2.24 -6.95
C TYR F 17 2.20 1.37 -8.07
N THR F 18 3.24 0.61 -7.76
CA THR F 18 3.89 -0.28 -8.73
C THR F 18 2.96 -1.33 -9.35
N VAL F 19 2.18 -2.02 -8.51
CA VAL F 19 1.25 -3.04 -8.99
C VAL F 19 0.25 -2.45 -10.00
N GLU F 20 -0.13 -1.18 -9.83
CA GLU F 20 -1.08 -0.55 -10.76
C GLU F 20 -0.41 -0.04 -12.03
N VAL F 21 0.85 0.36 -11.94
CA VAL F 21 1.61 0.70 -13.13
C VAL F 21 1.67 -0.55 -14.04
N LEU F 22 2.05 -1.68 -13.44
CA LEU F 22 2.09 -2.95 -14.17
C LEU F 22 0.74 -3.38 -14.74
N ARG F 23 -0.34 -3.16 -14.00
CA ARG F 23 -1.70 -3.53 -14.40
C ARG F 23 -2.27 -2.61 -15.48
N GLN F 24 -2.22 -1.31 -15.22
CA GLN F 24 -2.88 -0.32 -16.06
C GLN F 24 -2.04 0.18 -17.25
N GLN F 25 -0.76 -0.13 -17.25
CA GLN F 25 0.20 0.34 -18.28
C GLN F 25 -0.06 1.79 -18.71
N PRO F 26 0.09 2.73 -17.76
CA PRO F 26 -0.24 4.12 -18.12
C PRO F 26 0.83 4.68 -19.06
N PRO F 27 0.44 5.52 -20.05
CA PRO F 27 1.45 6.04 -21.00
C PRO F 27 2.50 6.98 -20.36
N ASP F 28 2.13 7.60 -19.23
CA ASP F 28 3.05 8.47 -18.48
C ASP F 28 3.00 8.18 -17.00
N LEU F 29 4.15 7.74 -16.47
CA LEU F 29 4.30 7.35 -15.09
C LEU F 29 4.09 8.48 -14.08
N VAL F 30 4.54 9.69 -14.43
CA VAL F 30 4.41 10.87 -13.57
C VAL F 30 2.93 11.30 -13.45
N ASP F 31 2.25 11.42 -14.58
CA ASP F 31 0.82 11.72 -14.57
C ASP F 31 0.06 10.71 -13.71
N PHE F 32 0.35 9.43 -13.93
CA PHE F 32 -0.28 8.36 -13.18
C PHE F 32 0.02 8.39 -11.67
N ALA F 33 1.27 8.71 -11.32
CA ALA F 33 1.63 8.97 -9.92
C ALA F 33 0.78 10.05 -9.24
N VAL F 34 0.70 11.24 -9.82
CA VAL F 34 -0.22 12.26 -9.30
C VAL F 34 -1.63 11.69 -9.18
N GLU F 35 -2.09 11.04 -10.24
CA GLU F 35 -3.43 10.47 -10.32
C GLU F 35 -3.70 9.38 -9.25
N TYR F 36 -2.77 8.43 -9.13
CA TYR F 36 -2.90 7.33 -8.17
C TYR F 36 -2.86 7.77 -6.69
N PHE F 37 -1.88 8.60 -6.32
CA PHE F 37 -1.81 9.05 -4.93
C PHE F 37 -2.93 10.01 -4.51
N THR F 38 -3.44 10.80 -5.45
CA THR F 38 -4.63 11.65 -5.20
C THR F 38 -5.86 10.77 -4.92
N ARG F 39 -6.05 9.73 -5.72
CA ARG F 39 -7.14 8.78 -5.52
C ARG F 39 -6.98 8.01 -4.21
N LEU F 40 -5.74 7.59 -3.92
CA LEU F 40 -5.43 6.90 -2.66
C LEU F 40 -5.80 7.75 -1.45
N ARG F 41 -5.38 9.01 -1.47
CA ARG F 41 -5.71 9.94 -0.40
C ARG F 41 -7.23 10.05 -0.21
N GLU F 42 -7.96 10.13 -1.31
CA GLU F 42 -9.42 10.27 -1.32
C GLU F 42 -10.14 8.99 -0.85
N ALA F 43 -9.59 7.82 -1.21
CA ALA F 43 -10.00 6.53 -0.65
C ALA F 43 -9.82 6.51 0.86
N ARG F 44 -8.67 7.01 1.33
CA ARG F 44 -8.40 7.09 2.77
C ARG F 44 -9.39 7.98 3.53
N ARG F 45 -9.63 9.19 3.01
CA ARG F 45 -10.67 10.10 3.53
C ARG F 45 -12.03 9.37 3.61
N GLY F 46 -12.35 8.60 2.56
CA GLY F 46 -13.56 7.79 2.48
C GLY F 46 -13.64 6.73 3.56
N LEU F 47 -12.51 6.07 3.84
CA LEU F 47 -12.46 5.04 4.88
C LEU F 47 -12.64 5.64 6.28
N GLU F 48 -12.03 6.80 6.49
CA GLU F 48 -12.09 7.54 7.76
C GLU F 48 -13.47 8.15 8.01
N HIS F 49 -14.18 8.48 6.94
CA HIS F 49 -15.55 9.01 7.02
C HIS F 49 -16.57 7.93 7.29
N HIS F 50 -16.33 6.73 6.75
CA HIS F 50 -17.20 5.58 6.96
C HIS F 50 -17.35 5.27 8.45
N HIS F 51 -16.25 5.43 9.19
CA HIS F 51 -16.22 5.21 10.63
C HIS F 51 -16.80 6.41 11.40
N GLN G 5 10.22 28.51 -13.80
CA GLN G 5 11.58 29.14 -13.97
C GLN G 5 12.74 28.24 -13.52
N ILE G 6 13.44 27.68 -14.50
CA ILE G 6 14.62 26.86 -14.32
C ILE G 6 15.85 27.75 -14.10
N PRO G 7 16.59 27.54 -13.00
CA PRO G 7 17.75 28.40 -12.71
C PRO G 7 18.84 28.35 -13.81
N PRO G 8 19.60 29.46 -13.96
CA PRO G 8 20.68 29.55 -14.96
C PRO G 8 21.69 28.41 -14.83
N GLY G 9 22.06 27.81 -15.96
CA GLY G 9 23.10 26.80 -15.97
C GLY G 9 22.64 25.36 -15.72
N LEU G 10 21.41 25.17 -15.25
CA LEU G 10 20.92 23.82 -14.95
C LEU G 10 20.84 22.91 -16.18
N THR G 11 20.25 23.39 -17.26
CA THR G 11 20.08 22.55 -18.44
C THR G 11 21.40 22.16 -19.08
N GLU G 12 22.35 23.09 -19.20
CA GLU G 12 23.67 22.72 -19.75
C GLU G 12 24.44 21.78 -18.84
N LEU G 13 24.20 21.89 -17.54
CA LEU G 13 24.71 20.89 -16.60
C LEU G 13 24.17 19.48 -16.85
N LEU G 14 22.85 19.36 -17.03
CA LEU G 14 22.25 18.05 -17.33
C LEU G 14 22.67 17.47 -18.71
N GLN G 15 22.82 18.36 -19.69
CA GLN G 15 23.28 18.00 -21.06
C GLN G 15 24.70 17.46 -21.08
N GLY G 16 25.57 18.06 -20.28
CA GLY G 16 26.94 17.55 -20.10
C GLY G 16 26.99 16.14 -19.50
N TYR G 17 26.13 15.89 -18.53
CA TYR G 17 26.01 14.58 -17.93
C TYR G 17 25.46 13.60 -18.95
N THR G 18 24.44 14.04 -19.67
CA THR G 18 23.77 13.22 -20.65
C THR G 18 24.65 12.79 -21.82
N VAL G 19 25.48 13.71 -22.34
CA VAL G 19 26.40 13.38 -23.45
C VAL G 19 27.36 12.25 -23.08
N GLU G 20 27.77 12.24 -21.81
CA GLU G 20 28.68 11.22 -21.30
C GLU G 20 28.00 9.88 -21.00
N VAL G 21 26.75 9.91 -20.54
CA VAL G 21 25.95 8.69 -20.41
C VAL G 21 25.83 8.01 -21.78
N LEU G 22 25.49 8.76 -22.81
CA LEU G 22 25.28 8.20 -24.17
C LEU G 22 26.56 7.57 -24.71
N ARG G 23 27.70 8.21 -24.47
CA ARG G 23 29.00 7.74 -24.92
C ARG G 23 29.55 6.54 -24.12
N GLN G 24 29.59 6.68 -22.80
CA GLN G 24 30.20 5.68 -21.92
C GLN G 24 29.26 4.51 -21.59
N GLN G 25 27.96 4.70 -21.83
CA GLN G 25 26.94 3.68 -21.49
C GLN G 25 27.24 3.04 -20.13
N PRO G 26 27.29 3.84 -19.05
CA PRO G 26 27.64 3.29 -17.74
C PRO G 26 26.63 2.22 -17.30
N PRO G 27 27.07 1.22 -16.54
CA PRO G 27 26.14 0.15 -16.15
C PRO G 27 25.12 0.61 -15.08
N ASP G 28 25.44 1.69 -14.37
CA ASP G 28 24.56 2.27 -13.36
C ASP G 28 24.54 3.81 -13.42
N LEU G 29 23.37 4.38 -13.71
CA LEU G 29 23.23 5.82 -13.93
C LEU G 29 23.50 6.68 -12.69
N VAL G 30 23.05 6.20 -11.54
CA VAL G 30 23.27 6.86 -10.25
C VAL G 30 24.77 6.91 -9.87
N ASP G 31 25.44 5.75 -9.90
CA ASP G 31 26.91 5.71 -9.68
C ASP G 31 27.63 6.69 -10.59
N PHE G 32 27.23 6.72 -11.87
CA PHE G 32 27.89 7.56 -12.84
C PHE G 32 27.65 9.03 -12.53
N ALA G 33 26.45 9.35 -12.07
CA ALA G 33 26.12 10.71 -11.63
C ALA G 33 27.04 11.19 -10.48
N VAL G 34 27.17 10.38 -9.43
CA VAL G 34 28.14 10.69 -8.36
C VAL G 34 29.57 10.88 -8.95
N GLU G 35 29.99 9.93 -9.77
CA GLU G 35 31.29 10.01 -10.44
C GLU G 35 31.44 11.27 -11.30
N TYR G 36 30.50 11.48 -12.21
CA TYR G 36 30.56 12.58 -13.16
C TYR G 36 30.61 13.93 -12.47
N PHE G 37 29.67 14.20 -11.56
CA PHE G 37 29.60 15.51 -10.88
C PHE G 37 30.72 15.79 -9.89
N THR G 38 31.27 14.74 -9.27
CA THR G 38 32.46 14.89 -8.41
C THR G 38 33.66 15.30 -9.25
N ARG G 39 33.82 14.65 -10.41
CA ARG G 39 34.90 14.99 -11.34
C ARG G 39 34.75 16.39 -11.90
N LEU G 40 33.51 16.76 -12.27
CA LEU G 40 33.21 18.09 -12.79
C LEU G 40 33.58 19.16 -11.77
N ARG G 41 33.31 18.89 -10.50
CA ARG G 41 33.65 19.80 -9.42
C ARG G 41 35.18 19.95 -9.29
N GLU G 42 35.93 18.83 -9.39
CA GLU G 42 37.40 18.84 -9.36
C GLU G 42 37.95 19.64 -10.54
N ALA G 43 37.32 19.50 -11.71
CA ALA G 43 37.71 20.22 -12.91
C ALA G 43 37.51 21.75 -12.73
N ARG G 44 36.35 22.13 -12.17
CA ARG G 44 36.07 23.53 -11.84
C ARG G 44 37.10 24.13 -10.87
N ARG G 45 37.43 23.39 -9.82
CA ARG G 45 38.48 23.81 -8.87
C ARG G 45 39.81 24.04 -9.58
N GLY G 46 40.21 23.05 -10.38
CA GLY G 46 41.34 23.19 -11.32
C GLY G 46 41.30 24.51 -12.08
N LEU G 47 40.18 24.79 -12.75
CA LEU G 47 40.02 26.01 -13.55
C LEU G 47 40.06 27.30 -12.71
N GLU G 48 39.70 27.22 -11.43
CA GLU G 48 39.68 28.40 -10.56
C GLU G 48 41.05 28.74 -9.95
N HIS G 49 41.99 27.80 -10.05
CA HIS G 49 43.38 28.04 -9.68
C HIS G 49 44.25 28.33 -10.91
N ILE H 4 18.07 9.44 -31.90
CA ILE H 4 18.90 9.44 -30.66
C ILE H 4 18.09 8.89 -29.51
N GLN H 5 18.46 7.69 -29.08
CA GLN H 5 17.81 7.02 -27.96
C GLN H 5 18.40 7.40 -26.60
N ILE H 6 17.54 7.98 -25.77
CA ILE H 6 17.83 8.22 -24.35
C ILE H 6 17.62 6.91 -23.57
N PRO H 7 18.62 6.49 -22.78
CA PRO H 7 18.51 5.25 -22.01
C PRO H 7 17.38 5.28 -20.98
N PRO H 8 16.80 4.10 -20.68
CA PRO H 8 15.71 4.02 -19.70
C PRO H 8 16.13 4.60 -18.36
N GLY H 9 15.29 5.47 -17.80
CA GLY H 9 15.56 5.99 -16.47
C GLY H 9 16.31 7.31 -16.39
N LEU H 10 16.86 7.77 -17.52
CA LEU H 10 17.68 8.97 -17.52
C LEU H 10 16.88 10.24 -17.25
N THR H 11 15.79 10.45 -17.99
CA THR H 11 15.03 11.69 -17.82
C THR H 11 14.41 11.72 -16.43
N GLU H 12 13.92 10.57 -15.95
CA GLU H 12 13.36 10.45 -14.60
C GLU H 12 14.38 10.84 -13.54
N LEU H 13 15.64 10.40 -13.70
CA LEU H 13 16.77 10.82 -12.85
C LEU H 13 16.96 12.33 -12.80
N LEU H 14 16.96 12.95 -13.99
CA LEU H 14 17.22 14.37 -14.18
C LEU H 14 16.11 15.24 -13.61
N GLN H 15 14.87 14.77 -13.77
CA GLN H 15 13.70 15.47 -13.28
C GLN H 15 13.65 15.46 -11.76
N GLY H 16 14.09 14.34 -11.17
CA GLY H 16 14.18 14.24 -9.72
C GLY H 16 15.19 15.20 -9.15
N TYR H 17 16.34 15.35 -9.82
CA TYR H 17 17.34 16.31 -9.38
C TYR H 17 16.79 17.73 -9.54
N THR H 18 16.18 17.99 -10.69
CA THR H 18 15.58 19.29 -11.00
C THR H 18 14.48 19.72 -10.00
N VAL H 19 13.59 18.79 -9.61
CA VAL H 19 12.51 19.15 -8.66
C VAL H 19 13.09 19.64 -7.35
N GLU H 20 14.19 19.01 -6.94
CA GLU H 20 14.87 19.35 -5.69
C GLU H 20 15.69 20.64 -5.76
N VAL H 21 16.32 20.90 -6.89
CA VAL H 21 16.88 22.24 -7.13
C VAL H 21 15.81 23.33 -6.92
N LEU H 22 14.61 23.06 -7.42
CA LEU H 22 13.52 24.04 -7.35
C LEU H 22 12.97 24.17 -5.93
N ARG H 23 12.98 23.07 -5.19
CA ARG H 23 12.57 23.04 -3.77
C ARG H 23 13.59 23.72 -2.85
N GLN H 24 14.87 23.36 -2.99
CA GLN H 24 15.90 23.71 -2.01
C GLN H 24 16.72 24.93 -2.38
N GLN H 25 16.58 25.39 -3.64
CA GLN H 25 17.31 26.54 -4.15
C GLN H 25 18.80 26.55 -3.75
N PRO H 26 19.56 25.51 -4.16
CA PRO H 26 21.00 25.56 -3.87
C PRO H 26 21.66 26.66 -4.67
N PRO H 27 22.52 27.48 -4.04
CA PRO H 27 23.23 28.49 -4.82
C PRO H 27 24.30 27.88 -5.73
N ASP H 28 24.72 26.65 -5.44
CA ASP H 28 25.74 25.97 -6.22
C ASP H 28 25.19 24.64 -6.78
N LEU H 29 24.86 24.66 -8.06
CA LEU H 29 24.26 23.53 -8.78
C LEU H 29 25.11 22.26 -8.75
N VAL H 30 26.43 22.42 -8.85
CA VAL H 30 27.36 21.29 -8.88
C VAL H 30 27.52 20.67 -7.48
N ASP H 31 27.70 21.49 -6.45
CA ASP H 31 27.72 20.98 -5.08
C ASP H 31 26.45 20.18 -4.79
N PHE H 32 25.29 20.74 -5.16
CA PHE H 32 24.00 20.09 -4.90
C PHE H 32 23.84 18.75 -5.64
N ALA H 33 24.32 18.70 -6.89
CA ALA H 33 24.31 17.44 -7.65
C ALA H 33 25.11 16.34 -6.97
N VAL H 34 26.32 16.65 -6.53
CA VAL H 34 27.11 15.67 -5.78
C VAL H 34 26.31 15.16 -4.56
N GLU H 35 25.71 16.08 -3.82
CA GLU H 35 24.94 15.70 -2.62
C GLU H 35 23.67 14.96 -2.93
N TYR H 36 22.91 15.47 -3.90
CA TYR H 36 21.68 14.83 -4.31
C TYR H 36 21.90 13.38 -4.74
N PHE H 37 22.82 13.13 -5.68
CA PHE H 37 23.00 11.77 -6.18
C PHE H 37 23.68 10.83 -5.18
N THR H 38 24.52 11.38 -4.31
CA THR H 38 25.07 10.60 -3.20
C THR H 38 23.97 10.20 -2.21
N ARG H 39 23.06 11.11 -1.89
CA ARG H 39 21.91 10.76 -1.04
C ARG H 39 20.98 9.77 -1.74
N LEU H 40 20.82 9.93 -3.04
CA LEU H 40 19.94 9.06 -3.81
C LEU H 40 20.47 7.62 -3.81
N ARG H 41 21.79 7.47 -3.94
CA ARG H 41 22.43 6.16 -3.86
C ARG H 41 22.25 5.53 -2.49
N GLU H 42 22.49 6.30 -1.42
CA GLU H 42 22.20 5.85 -0.06
C GLU H 42 20.76 5.37 0.07
N ALA H 43 19.80 6.16 -0.43
CA ALA H 43 18.37 5.80 -0.33
C ALA H 43 18.07 4.47 -1.03
N ARG H 44 18.67 4.28 -2.21
CA ARG H 44 18.53 3.05 -2.99
C ARG H 44 19.08 1.85 -2.22
N ARG H 45 20.19 2.07 -1.52
CA ARG H 45 20.81 1.06 -0.66
C ARG H 45 19.90 0.67 0.51
N GLY H 46 19.24 1.66 1.11
CA GLY H 46 18.23 1.43 2.14
C GLY H 46 17.07 0.56 1.69
N LEU H 47 16.56 0.83 0.50
CA LEU H 47 15.47 0.06 -0.09
C LEU H 47 15.89 -1.37 -0.40
N GLU H 48 17.16 -1.56 -0.73
CA GLU H 48 17.69 -2.87 -1.07
C GLU H 48 17.93 -3.75 0.17
N HIS H 49 18.30 -3.13 1.28
CA HIS H 49 18.50 -3.87 2.54
C HIS H 49 17.31 -3.73 3.49
N HIS H 50 16.11 -3.86 2.94
CA HIS H 50 14.87 -3.75 3.73
C HIS H 50 13.94 -4.95 3.53
#